data_6M2P
#
_entry.id   6M2P
#
_cell.length_a   24.211
_cell.length_b   33.713
_cell.length_c   58.551
_cell.angle_alpha   90.00
_cell.angle_beta   98.11
_cell.angle_gamma   90.00
#
_symmetry.space_group_name_H-M   'P 1 21 1'
#
loop_
_entity.id
_entity.type
_entity.pdbx_description
1 polymer "DNA (5'-D(*CP*AP*CP*CP*TP*AP*GP*CP*G)-3')"
2 non-polymer 'SILVER ION'
3 non-polymer 'CALCIUM ION'
4 non-polymer 'CHLORIDE ION'
5 water water
#
_entity_poly.entity_id   1
_entity_poly.type   'polydeoxyribonucleotide'
_entity_poly.pdbx_seq_one_letter_code
;(DC)(DA)(DC)(DC)(DT)(DA)(DG)(DC)(DG)
;
_entity_poly.pdbx_strand_id   A,B,C,D
#
loop_
_chem_comp.id
_chem_comp.type
_chem_comp.name
_chem_comp.formula
AG non-polymer 'SILVER ION' 'Ag 1'
CA non-polymer 'CALCIUM ION' 'Ca 2'
CL non-polymer 'CHLORIDE ION' 'Cl -1'
DA DNA linking 2'-DEOXYADENOSINE-5'-MONOPHOSPHATE 'C10 H14 N5 O6 P'
DC DNA linking 2'-DEOXYCYTIDINE-5'-MONOPHOSPHATE 'C9 H14 N3 O7 P'
DG DNA linking 2'-DEOXYGUANOSINE-5'-MONOPHOSPHATE 'C10 H14 N5 O7 P'
DT DNA linking THYMIDINE-5'-MONOPHOSPHATE 'C10 H15 N2 O8 P'
#
# COMPACT_ATOMS: atom_id res chain seq x y z
AG AG E . -5.54 -6.82 12.66
AG AG F . -3.79 -6.95 10.49
AG AG G . -2.13 -7.26 8.21
AG AG H . -0.48 -8.07 5.66
AG AG I . -2.97 -7.27 13.31
AG AG J . -1.32 -8.11 10.79
AG AG K . 0.48 -8.39 8.18
AG AG L . 2.27 -8.68 6.07
CA CA M . -17.18 -6.21 10.24
CL CL N . -2.74 -4.96 6.26
AG AG O . -4.03 -4.74 13.80
AG AG P . -2.10 -5.18 11.74
AG AG Q . -0.19 -5.95 9.65
AG AG R . 2.22 -6.29 7.55
AG AG S . -4.90 -4.52 11.23
AG AG T . -2.59 -4.69 9.02
AG AG U . -0.31 -5.56 6.82
AG AG V . 1.55 -6.35 4.85
CL CL W . 1.39 -8.37 10.58
AG AG X . 1.11 4.28 -13.38
AG AG Y . 0.33 4.92 -10.78
AG AG Z . -0.67 5.56 -8.21
AG AG AA . -2.23 6.51 -5.62
AG AG BA . 2.31 6.47 -12.35
AG AG CA . 0.78 7.44 -9.77
AG AG DA . -0.40 8.07 -6.90
AG AG EA . -1.25 8.86 -4.37
CL CL FA . -0.73 3.02 -6.50
AG AG GA . 3.79 4.12 -12.57
AG AG HA . 2.97 5.14 -10.03
AG AG IA . 1.88 6.34 -7.57
AG AG JA . 1.23 7.60 -4.68
AG AG KA . 1.92 2.69 -11.24
AG AG LA . 1.31 3.70 -8.26
AG AG MA . 0.21 5.20 -5.52
AG AG NA . -0.85 6.44 -3.23
CA CA OA . 14.75 8.62 -14.08
CA CA OA . 14.35 10.05 -14.06
CL CL PA . 1.55 9.32 -7.98
#